data_4FN2
#
_entry.id   4FN2
#
_cell.length_a   33.630
_cell.length_b   35.140
_cell.length_c   75.640
_cell.angle_alpha   90.860
_cell.angle_beta   99.520
_cell.angle_gamma   96.240
#
_symmetry.space_group_name_H-M   'P 1'
#
loop_
_entity.id
_entity.type
_entity.pdbx_description
1 polymer 'Ubiquitin-like protein SMT3, Peptidyl-prolyl cis-trans isomerase'
2 non-polymer 'ethyl (2S)-1-(benzylsulfonyl)piperidine-2-carboxylate'
3 water water
#
_entity_poly.entity_id   1
_entity_poly.type   'polypeptide(L)'
_entity_poly.pdbx_seq_one_letter_code
;MGHHHHHHSGEVKPEVKPETHINLKVSDGSSEIFFKIKKTTPLRRLMEAFAKRQGKEMDSLRFLYDGIRIQADQTPEDLD
MEDNDIIEAHREQIGGSTVVTTESGLKYEDLTEGSGAEARAGQTVSVHYTGWLTDGQKFGSSKDRNDPFAFVLGGGMVIK
GWDEGVQGMKVGGVRRLTIPPQLGYGARGAGGVIPPNATLVFEVELLDV
;
_entity_poly.pdbx_strand_id   A,B
#
# COMPACT_ATOMS: atom_id res chain seq x y z
N THR A 20 -13.16 -15.06 -33.70
CA THR A 20 -11.68 -15.28 -33.48
C THR A 20 -10.97 -13.98 -33.02
N HIS A 21 -11.52 -12.82 -33.38
CA HIS A 21 -10.94 -11.56 -33.02
C HIS A 21 -11.92 -10.65 -32.35
N ILE A 22 -11.45 -9.84 -31.39
CA ILE A 22 -12.30 -8.81 -30.80
C ILE A 22 -11.67 -7.43 -30.82
N ASN A 23 -12.54 -6.43 -30.77
CA ASN A 23 -12.14 -5.04 -30.55
C ASN A 23 -12.19 -4.68 -29.08
N LEU A 24 -11.17 -3.98 -28.63
CA LEU A 24 -11.06 -3.48 -27.27
C LEU A 24 -10.69 -1.99 -27.28
N LYS A 25 -11.17 -1.28 -26.28
CA LYS A 25 -10.83 0.10 -26.06
C LYS A 25 -10.10 0.17 -24.75
N VAL A 26 -8.99 0.92 -24.74
CA VAL A 26 -8.19 1.17 -23.56
C VAL A 26 -8.25 2.64 -23.29
N SER A 27 -8.64 2.99 -22.08
CA SER A 27 -8.76 4.38 -21.69
C SER A 27 -8.11 4.64 -20.36
N ASP A 28 -7.41 5.78 -20.26
CA ASP A 28 -6.91 6.25 -18.98
C ASP A 28 -7.67 7.47 -18.46
N GLY A 29 -8.86 7.72 -19.03
CA GLY A 29 -9.64 8.90 -18.68
C GLY A 29 -9.34 10.08 -19.58
N SER A 30 -8.22 10.05 -20.30
CA SER A 30 -7.86 11.11 -21.27
C SER A 30 -7.63 10.48 -22.66
N SER A 31 -6.62 9.63 -22.74
CA SER A 31 -6.27 8.95 -23.97
C SER A 31 -7.21 7.76 -24.12
N GLU A 32 -7.79 7.59 -25.29
CA GLU A 32 -8.56 6.38 -25.59
C GLU A 32 -8.04 5.76 -26.89
N ILE A 33 -7.51 4.53 -26.82
CA ILE A 33 -6.95 3.86 -27.95
C ILE A 33 -7.72 2.56 -28.23
N PHE A 34 -7.99 2.33 -29.51
CA PHE A 34 -8.78 1.20 -29.99
C PHE A 34 -7.86 0.17 -30.66
N PHE A 35 -8.15 -1.11 -30.38
CA PHE A 35 -7.31 -2.24 -30.75
C PHE A 35 -8.22 -3.33 -31.29
N LYS A 36 -7.71 -4.13 -32.21
CA LYS A 36 -8.35 -5.34 -32.65
C LYS A 36 -7.38 -6.46 -32.40
N ILE A 37 -7.79 -7.46 -31.63
CA ILE A 37 -6.86 -8.45 -31.12
C ILE A 37 -7.45 -9.86 -31.26
N LYS A 38 -6.62 -10.81 -31.70
CA LYS A 38 -7.01 -12.21 -31.71
C LYS A 38 -7.23 -12.69 -30.24
N LYS A 39 -8.27 -13.50 -30.02
CA LYS A 39 -8.64 -13.90 -28.66
C LYS A 39 -7.56 -14.75 -27.91
N THR A 40 -6.65 -15.35 -28.67
CA THR A 40 -5.60 -16.21 -28.15
C THR A 40 -4.30 -15.43 -27.97
N THR A 41 -4.31 -14.11 -28.27
CA THR A 41 -3.09 -13.27 -28.21
C THR A 41 -2.92 -12.64 -26.87
N PRO A 42 -1.71 -12.74 -26.26
CA PRO A 42 -1.49 -12.14 -24.93
C PRO A 42 -1.66 -10.64 -25.00
N LEU A 43 -2.07 -10.03 -23.88
CA LEU A 43 -2.36 -8.59 -23.84
C LEU A 43 -1.11 -7.69 -23.82
N ARG A 44 0.09 -8.29 -23.74
CA ARG A 44 1.35 -7.54 -23.69
C ARG A 44 1.47 -6.43 -24.73
N ARG A 45 1.29 -6.78 -26.00
CA ARG A 45 1.50 -5.81 -27.10
C ARG A 45 0.60 -4.64 -27.02
N LEU A 46 -0.66 -4.94 -26.69
CA LEU A 46 -1.66 -3.93 -26.51
C LEU A 46 -1.27 -3.04 -25.36
N MET A 47 -0.83 -3.62 -24.25
CA MET A 47 -0.43 -2.85 -23.08
C MET A 47 0.79 -1.96 -23.38
N GLU A 48 1.77 -2.56 -24.05
CA GLU A 48 2.99 -1.81 -24.47
C GLU A 48 2.65 -0.68 -25.41
N ALA A 49 1.77 -0.96 -26.37
CA ALA A 49 1.34 0.07 -27.32
C ALA A 49 0.72 1.27 -26.56
N PHE A 50 -0.21 1.01 -25.64
CA PHE A 50 -0.88 2.11 -24.95
C PHE A 50 0.14 2.94 -24.17
N ALA A 51 0.99 2.26 -23.43
CA ALA A 51 2.04 2.93 -22.64
C ALA A 51 3.00 3.76 -23.50
N LYS A 52 3.45 3.18 -24.61
CA LYS A 52 4.42 3.86 -25.48
C LYS A 52 3.83 5.10 -26.12
N ARG A 53 2.53 5.09 -26.42
CA ARG A 53 1.88 6.25 -26.98
C ARG A 53 1.94 7.43 -26.00
N GLN A 54 1.98 7.17 -24.69
CA GLN A 54 2.24 8.26 -23.71
C GLN A 54 3.75 8.44 -23.39
N GLY A 55 4.63 7.87 -24.20
CA GLY A 55 6.07 7.99 -23.97
C GLY A 55 6.52 7.34 -22.67
N LYS A 56 5.79 6.29 -22.24
CA LYS A 56 6.08 5.57 -20.99
C LYS A 56 6.35 4.07 -21.18
N GLU A 57 6.94 3.48 -20.14
CA GLU A 57 7.13 2.03 -20.05
C GLU A 57 5.88 1.38 -19.51
N MET A 58 5.61 0.16 -19.97
CA MET A 58 4.45 -0.59 -19.56
C MET A 58 4.31 -0.68 -18.02
N ASP A 59 5.42 -0.91 -17.33
CA ASP A 59 5.42 -1.13 -15.86
C ASP A 59 5.06 0.12 -15.03
N SER A 60 4.98 1.29 -15.65
CA SER A 60 4.49 2.51 -14.97
C SER A 60 2.95 2.50 -14.85
N LEU A 61 2.26 1.68 -15.65
CA LEU A 61 0.77 1.64 -15.65
C LEU A 61 0.19 0.34 -15.06
N ARG A 62 -1.10 0.41 -14.71
CA ARG A 62 -1.89 -0.74 -14.32
C ARG A 62 -3.12 -0.80 -15.18
N PHE A 63 -3.39 -1.96 -15.73
CA PHE A 63 -4.51 -2.15 -16.63
C PHE A 63 -5.54 -3.05 -15.97
N LEU A 64 -6.78 -2.55 -15.83
CA LEU A 64 -7.87 -3.32 -15.24
C LEU A 64 -8.94 -3.70 -16.25
N TYR A 65 -9.39 -4.94 -16.17
CA TYR A 65 -10.59 -5.41 -16.83
C TYR A 65 -11.60 -5.84 -15.78
N ASP A 66 -12.76 -5.17 -15.75
CA ASP A 66 -13.83 -5.47 -14.79
C ASP A 66 -13.37 -5.29 -13.35
N GLY A 67 -12.58 -4.24 -13.11
CA GLY A 67 -11.96 -4.02 -11.82
C GLY A 67 -10.78 -4.92 -11.48
N ILE A 68 -10.47 -5.90 -12.32
CA ILE A 68 -9.33 -6.83 -12.05
C ILE A 68 -8.10 -6.49 -12.87
N ARG A 69 -6.95 -6.52 -12.20
CA ARG A 69 -5.70 -6.18 -12.83
C ARG A 69 -5.29 -7.23 -13.85
N ILE A 70 -4.92 -6.79 -15.04
CA ILE A 70 -4.51 -7.67 -16.12
C ILE A 70 -2.99 -7.81 -16.12
N GLN A 71 -2.52 -9.00 -16.44
CA GLN A 71 -1.09 -9.28 -16.53
C GLN A 71 -0.76 -9.52 -18.00
N ALA A 72 0.44 -9.13 -18.40
CA ALA A 72 0.86 -9.12 -19.80
C ALA A 72 0.70 -10.46 -20.55
N ASP A 73 0.74 -11.55 -19.81
CA ASP A 73 0.69 -12.87 -20.46
C ASP A 73 -0.72 -13.39 -20.60
N GLN A 74 -1.71 -12.73 -19.99
CA GLN A 74 -3.11 -13.20 -20.13
C GLN A 74 -3.67 -12.86 -21.51
N THR A 75 -4.67 -13.61 -21.98
CA THR A 75 -5.31 -13.35 -23.27
C THR A 75 -6.76 -12.92 -23.07
N PRO A 76 -7.37 -12.29 -24.12
CA PRO A 76 -8.82 -12.03 -24.11
C PRO A 76 -9.64 -13.28 -23.74
N GLU A 77 -9.29 -14.40 -24.34
CA GLU A 77 -9.88 -15.71 -24.02
C GLU A 77 -9.80 -16.04 -22.51
N ASP A 78 -8.63 -15.87 -21.89
CA ASP A 78 -8.46 -16.22 -20.46
C ASP A 78 -9.40 -15.40 -19.59
N LEU A 79 -9.66 -14.16 -20.02
CA LEU A 79 -10.47 -13.23 -19.26
C LEU A 79 -11.94 -13.18 -19.69
N ASP A 80 -12.32 -13.98 -20.69
CA ASP A 80 -13.70 -13.95 -21.20
C ASP A 80 -14.15 -12.54 -21.71
N MET A 81 -13.25 -11.89 -22.43
CA MET A 81 -13.53 -10.57 -22.98
C MET A 81 -14.42 -10.67 -24.21
N GLU A 82 -15.28 -9.66 -24.39
CA GLU A 82 -16.15 -9.61 -25.55
C GLU A 82 -15.82 -8.38 -26.42
N ASP A 83 -16.24 -8.44 -27.68
CA ASP A 83 -16.11 -7.34 -28.57
C ASP A 83 -16.59 -6.04 -27.96
N ASN A 84 -15.79 -4.99 -28.17
CA ASN A 84 -16.02 -3.64 -27.67
C ASN A 84 -15.93 -3.50 -26.16
N ASP A 85 -15.28 -4.45 -25.47
CA ASP A 85 -14.99 -4.30 -24.03
C ASP A 85 -13.97 -3.21 -23.80
N ILE A 86 -13.98 -2.71 -22.58
CA ILE A 86 -13.08 -1.67 -22.16
C ILE A 86 -12.06 -2.15 -21.12
N ILE A 87 -10.81 -1.73 -21.31
CA ILE A 87 -9.72 -1.87 -20.35
C ILE A 87 -9.42 -0.49 -19.81
N GLU A 88 -9.45 -0.36 -18.49
CA GLU A 88 -9.14 0.92 -17.85
C GLU A 88 -7.69 0.95 -17.42
N ALA A 89 -6.99 2.03 -17.72
CA ALA A 89 -5.58 2.15 -17.46
C ALA A 89 -5.41 3.28 -16.42
N HIS A 90 -4.50 3.08 -15.50
CA HIS A 90 -4.18 4.05 -14.43
CA HIS A 90 -4.12 4.16 -14.60
C HIS A 90 -2.68 4.03 -14.23
N ARG A 91 -2.09 5.13 -13.80
CA ARG A 91 -0.72 5.03 -13.36
C ARG A 91 -0.76 4.66 -11.89
N GLU A 92 0.18 3.88 -11.46
CA GLU A 92 0.25 3.60 -10.05
C GLU A 92 1.61 4.01 -9.61
N GLN A 93 1.64 4.80 -8.56
CA GLN A 93 2.87 5.09 -7.89
C GLN A 93 2.75 4.32 -6.59
N ILE A 94 3.81 3.59 -6.29
CA ILE A 94 3.87 2.76 -5.10
C ILE A 94 3.89 3.69 -3.90
N GLY A 95 4.56 4.85 -4.04
CA GLY A 95 4.55 5.87 -2.99
C GLY A 95 3.17 6.38 -2.58
N GLY A 96 2.22 6.36 -3.51
CA GLY A 96 0.88 6.91 -3.25
C GLY A 96 0.64 8.07 -4.15
N SER A 97 -0.55 8.70 -4.04
CA SER A 97 -0.96 9.76 -4.97
C SER A 97 -1.64 10.88 -4.17
N THR A 98 -1.00 12.04 -4.15
CA THR A 98 -1.55 13.20 -3.52
C THR A 98 -1.49 14.37 -4.52
N VAL A 99 -2.66 14.89 -4.90
CA VAL A 99 -2.75 15.98 -5.86
C VAL A 99 -3.11 17.23 -5.07
N VAL A 100 -2.30 18.28 -5.23
CA VAL A 100 -2.43 19.56 -4.48
C VAL A 100 -2.96 20.62 -5.42
N THR A 101 -3.99 21.35 -4.97
CA THR A 101 -4.56 22.50 -5.68
C THR A 101 -4.01 23.73 -4.97
N THR A 102 -3.48 24.65 -5.76
CA THR A 102 -2.88 25.88 -5.24
C THR A 102 -3.87 27.00 -5.37
N GLU A 103 -3.58 28.17 -4.80
CA GLU A 103 -4.56 29.27 -4.91
C GLU A 103 -4.88 29.68 -6.34
N SER A 104 -3.95 29.53 -7.27
CA SER A 104 -4.23 29.87 -8.69
C SER A 104 -5.09 28.86 -9.44
N GLY A 105 -5.34 27.69 -8.86
CA GLY A 105 -6.06 26.62 -9.54
C GLY A 105 -5.14 25.65 -10.23
N LEU A 106 -3.85 25.92 -10.26
CA LEU A 106 -2.88 24.92 -10.60
C LEU A 106 -3.04 23.69 -9.71
N LYS A 107 -2.86 22.50 -10.31
CA LYS A 107 -2.77 21.26 -9.60
C LYS A 107 -1.40 20.63 -9.84
N TYR A 108 -0.83 20.06 -8.79
CA TYR A 108 0.45 19.31 -8.93
C TYR A 108 0.47 18.06 -8.11
N GLU A 109 1.19 17.07 -8.64
CA GLU A 109 1.31 15.77 -8.00
C GLU A 109 2.76 15.32 -8.17
N ASP A 110 3.44 15.07 -7.07
CA ASP A 110 4.83 14.57 -7.12
C ASP A 110 4.78 13.03 -7.31
N LEU A 111 5.04 12.60 -8.55
CA LEU A 111 5.10 11.19 -8.88
C LEU A 111 6.32 10.53 -8.22
N THR A 112 7.44 11.24 -8.25
CA THR A 112 8.70 10.91 -7.57
C THR A 112 9.19 12.16 -6.88
N GLU A 113 9.57 12.08 -5.61
CA GLU A 113 10.19 13.23 -4.96
C GLU A 113 11.69 13.16 -5.18
N GLY A 114 12.29 14.31 -5.44
CA GLY A 114 13.75 14.34 -5.66
C GLY A 114 14.53 14.40 -4.38
N SER A 115 15.80 14.76 -4.49
N SER A 115 15.80 14.77 -4.48
CA SER A 115 16.68 14.90 -3.33
CA SER A 115 16.69 14.91 -3.34
C SER A 115 17.38 16.24 -3.40
C SER A 115 17.36 16.27 -3.40
N GLY A 116 17.79 16.79 -2.26
CA GLY A 116 18.48 18.09 -2.20
C GLY A 116 17.54 19.28 -2.01
N ALA A 117 18.05 20.47 -2.30
CA ALA A 117 17.30 21.72 -2.10
C ALA A 117 16.17 21.90 -3.11
N GLU A 118 15.08 22.49 -2.62
CA GLU A 118 13.95 22.85 -3.47
C GLU A 118 14.33 23.94 -4.43
N ALA A 119 13.94 23.77 -5.71
CA ALA A 119 14.09 24.81 -6.76
C ALA A 119 13.39 26.09 -6.29
N ARG A 120 14.04 27.25 -6.45
CA ARG A 120 13.50 28.55 -6.07
CA ARG A 120 13.53 28.57 -6.03
C ARG A 120 13.43 29.54 -7.21
N ALA A 121 12.49 30.47 -7.10
CA ALA A 121 12.36 31.63 -7.98
C ALA A 121 13.72 32.31 -8.16
N GLY A 122 14.10 32.59 -9.41
CA GLY A 122 15.36 33.22 -9.71
C GLY A 122 16.48 32.24 -10.10
N GLN A 123 16.33 30.97 -9.82
CA GLN A 123 17.32 29.99 -10.27
C GLN A 123 17.10 29.55 -11.71
N THR A 124 18.20 29.26 -12.45
CA THR A 124 18.08 28.60 -13.77
C THR A 124 17.93 27.08 -13.54
N VAL A 125 16.95 26.47 -14.19
CA VAL A 125 16.68 25.04 -13.97
C VAL A 125 16.76 24.38 -15.29
N SER A 126 17.02 23.09 -15.30
CA SER A 126 17.00 22.31 -16.52
C SER A 126 16.04 21.13 -16.33
N VAL A 127 15.14 20.88 -17.27
CA VAL A 127 14.15 19.81 -17.10
C VAL A 127 14.00 19.00 -18.37
N HIS A 128 13.43 17.80 -18.21
CA HIS A 128 12.75 17.09 -19.28
C HIS A 128 11.27 17.15 -19.02
N TYR A 129 10.49 17.14 -20.09
CA TYR A 129 9.03 17.22 -19.96
C TYR A 129 8.30 16.54 -21.11
N THR A 130 7.06 16.14 -20.85
CA THR A 130 6.14 15.82 -21.93
C THR A 130 4.85 16.53 -21.60
N GLY A 131 4.20 17.12 -22.61
CA GLY A 131 2.94 17.83 -22.44
C GLY A 131 1.83 17.20 -23.23
N TRP A 132 0.66 17.05 -22.60
CA TRP A 132 -0.54 16.54 -23.31
C TRP A 132 -1.80 17.38 -23.17
N LEU A 133 -2.68 17.27 -24.17
CA LEU A 133 -4.01 17.85 -24.05
C LEU A 133 -4.87 16.93 -23.18
N THR A 134 -6.05 17.39 -22.76
CA THR A 134 -6.89 16.53 -21.89
C THR A 134 -7.52 15.33 -22.65
N ASP A 135 -7.48 15.33 -23.99
CA ASP A 135 -7.85 14.12 -24.75
C ASP A 135 -6.68 13.14 -24.95
N GLY A 136 -5.58 13.37 -24.27
CA GLY A 136 -4.42 12.49 -24.34
C GLY A 136 -3.43 12.78 -25.44
N GLN A 137 -3.72 13.75 -26.32
CA GLN A 137 -2.82 14.03 -27.45
C GLN A 137 -1.53 14.68 -26.92
N LYS A 138 -0.38 14.15 -27.33
CA LYS A 138 0.90 14.77 -26.98
C LYS A 138 1.17 16.02 -27.83
N PHE A 139 1.38 17.17 -27.24
CA PHE A 139 1.69 18.29 -28.06
C PHE A 139 3.22 18.60 -28.06
N GLY A 140 3.96 18.05 -27.10
CA GLY A 140 5.36 18.47 -26.95
C GLY A 140 6.15 17.60 -26.02
N SER A 141 7.46 17.57 -26.25
CA SER A 141 8.36 16.88 -25.35
C SER A 141 9.80 17.24 -25.67
N SER A 142 10.55 17.56 -24.64
CA SER A 142 12.03 17.71 -24.71
C SER A 142 12.75 16.42 -25.08
N LYS A 143 12.09 15.29 -24.89
CA LYS A 143 12.71 14.02 -25.18
C LYS A 143 12.72 13.73 -26.69
N ASP A 144 11.93 14.47 -27.47
CA ASP A 144 11.89 14.25 -28.91
C ASP A 144 13.26 14.58 -29.54
N ARG A 145 13.82 15.75 -29.25
CA ARG A 145 15.18 16.08 -29.69
C ARG A 145 16.28 15.67 -28.67
N ASN A 146 15.89 14.95 -27.62
CA ASN A 146 16.77 14.63 -26.50
C ASN A 146 17.54 15.85 -26.02
N ASP A 147 16.84 16.96 -25.83
CA ASP A 147 17.46 18.25 -25.51
C ASP A 147 16.76 18.88 -24.31
N PRO A 148 17.38 18.83 -23.12
CA PRO A 148 16.74 19.40 -21.96
C PRO A 148 16.35 20.87 -22.14
N PHE A 149 15.25 21.27 -21.51
CA PHE A 149 14.75 22.63 -21.56
C PHE A 149 15.21 23.41 -20.32
N ALA A 150 15.85 24.55 -20.55
CA ALA A 150 16.34 25.39 -19.45
C ALA A 150 15.58 26.68 -19.41
N PHE A 151 15.28 27.17 -18.20
CA PHE A 151 14.69 28.47 -18.06
C PHE A 151 14.97 29.02 -16.65
N VAL A 152 14.82 30.34 -16.50
CA VAL A 152 14.92 31.01 -15.21
C VAL A 152 13.56 30.92 -14.54
N LEU A 153 13.52 30.27 -13.38
CA LEU A 153 12.29 29.98 -12.69
C LEU A 153 11.69 31.28 -12.12
N GLY A 154 10.47 31.55 -12.53
CA GLY A 154 9.75 32.74 -12.09
C GLY A 154 10.06 33.91 -12.97
N GLY A 155 10.75 33.69 -14.09
CA GLY A 155 11.18 34.77 -14.94
C GLY A 155 10.25 35.17 -16.06
N GLY A 156 9.11 34.50 -16.19
CA GLY A 156 8.13 34.85 -17.21
C GLY A 156 8.45 34.42 -18.64
N MET A 157 9.42 33.53 -18.83
CA MET A 157 9.78 33.06 -20.17
C MET A 157 9.09 31.74 -20.53
N VAL A 158 8.30 31.22 -19.60
CA VAL A 158 7.45 30.09 -19.86
C VAL A 158 6.03 30.42 -19.39
N ILE A 159 5.10 29.53 -19.70
CA ILE A 159 3.72 29.69 -19.26
C ILE A 159 3.66 29.77 -17.74
N LYS A 160 2.71 30.53 -17.22
CA LYS A 160 2.60 30.78 -15.75
C LYS A 160 2.52 29.49 -14.89
N GLY A 161 1.84 28.45 -15.41
CA GLY A 161 1.72 27.14 -14.73
C GLY A 161 3.08 26.52 -14.42
N TRP A 162 4.03 26.75 -15.31
CA TRP A 162 5.40 26.28 -15.12
C TRP A 162 6.18 27.11 -14.18
N ASP A 163 6.15 28.45 -14.30
CA ASP A 163 6.86 29.31 -13.34
C ASP A 163 6.44 29.03 -11.92
N GLU A 164 5.14 28.73 -11.74
CA GLU A 164 4.58 28.42 -10.44
C GLU A 164 4.92 26.96 -10.03
N GLY A 165 4.68 26.02 -10.94
CA GLY A 165 4.65 24.64 -10.57
C GLY A 165 5.98 23.93 -10.41
N VAL A 166 7.04 24.50 -10.96
CA VAL A 166 8.37 23.88 -10.87
C VAL A 166 9.04 24.39 -9.59
N GLN A 167 8.51 25.48 -9.02
CA GLN A 167 8.99 25.91 -7.68
C GLN A 167 8.69 24.80 -6.70
N GLY A 168 9.69 24.46 -5.90
CA GLY A 168 9.54 23.47 -4.87
C GLY A 168 9.93 22.06 -5.31
N MET A 169 10.18 21.83 -6.61
CA MET A 169 10.72 20.53 -7.06
C MET A 169 12.17 20.39 -6.60
N LYS A 170 12.59 19.14 -6.40
CA LYS A 170 13.97 18.78 -6.15
C LYS A 170 14.52 17.95 -7.31
N VAL A 171 15.84 18.02 -7.50
CA VAL A 171 16.53 17.30 -8.55
C VAL A 171 16.20 15.77 -8.48
N GLY A 172 15.86 15.16 -9.63
CA GLY A 172 15.36 13.77 -9.67
C GLY A 172 13.84 13.68 -9.54
N GLY A 173 13.18 14.74 -9.10
CA GLY A 173 11.71 14.73 -8.92
C GLY A 173 10.99 14.72 -10.27
N VAL A 174 9.85 14.01 -10.31
CA VAL A 174 8.93 14.06 -11.43
C VAL A 174 7.58 14.54 -10.89
N ARG A 175 7.11 15.67 -11.43
CA ARG A 175 5.92 16.33 -10.99
C ARG A 175 4.98 16.44 -12.15
N ARG A 176 3.73 16.06 -11.90
CA ARG A 176 2.70 16.20 -12.91
C ARG A 176 1.95 17.51 -12.65
N LEU A 177 1.95 18.40 -13.61
CA LEU A 177 1.20 19.65 -13.52
C LEU A 177 -0.08 19.60 -14.36
N THR A 178 -1.19 19.98 -13.74
CA THR A 178 -2.47 20.17 -14.45
C THR A 178 -2.75 21.68 -14.45
N ILE A 179 -2.68 22.26 -15.65
CA ILE A 179 -2.58 23.67 -15.82
C ILE A 179 -3.84 24.19 -16.52
N PRO A 180 -4.62 25.05 -15.82
CA PRO A 180 -5.74 25.63 -16.43
C PRO A 180 -5.32 26.70 -17.46
N PRO A 181 -6.21 27.06 -18.39
CA PRO A 181 -5.73 27.83 -19.56
C PRO A 181 -5.20 29.24 -19.25
N GLN A 182 -5.74 29.90 -18.21
CA GLN A 182 -5.21 31.22 -17.80
C GLN A 182 -3.77 31.14 -17.27
N LEU A 183 -3.31 29.95 -16.91
CA LEU A 183 -1.90 29.68 -16.58
C LEU A 183 -1.15 28.98 -17.73
N GLY A 184 -1.79 28.85 -18.88
CA GLY A 184 -1.19 28.22 -20.07
C GLY A 184 -1.24 29.20 -21.22
N TYR A 185 -1.92 28.81 -22.29
CA TYR A 185 -1.96 29.60 -23.52
C TYR A 185 -3.27 30.32 -23.69
N GLY A 186 -4.14 30.23 -22.70
CA GLY A 186 -5.31 31.11 -22.64
C GLY A 186 -6.20 31.05 -23.88
N ALA A 187 -6.55 32.22 -24.38
CA ALA A 187 -7.49 32.37 -25.52
C ALA A 187 -6.78 32.11 -26.85
N ARG A 188 -5.45 31.98 -26.81
CA ARG A 188 -4.66 31.96 -28.00
C ARG A 188 -4.35 30.57 -28.49
N GLY A 189 -4.18 29.62 -27.57
CA GLY A 189 -3.64 28.29 -27.98
C GLY A 189 -2.18 28.46 -28.42
N ALA A 190 -1.63 27.41 -29.02
CA ALA A 190 -0.24 27.39 -29.39
C ALA A 190 0.12 26.21 -30.30
N GLY A 191 1.12 26.44 -31.13
CA GLY A 191 1.76 25.39 -31.89
C GLY A 191 0.96 24.69 -32.97
N GLY A 192 -0.21 25.21 -33.29
CA GLY A 192 -1.06 24.58 -34.31
C GLY A 192 -1.73 23.36 -33.70
N VAL A 193 -1.63 23.23 -32.36
CA VAL A 193 -2.09 22.02 -31.67
C VAL A 193 -2.95 22.31 -30.44
N ILE A 194 -2.57 23.28 -29.60
CA ILE A 194 -3.31 23.58 -28.40
C ILE A 194 -4.34 24.66 -28.79
N PRO A 195 -5.65 24.38 -28.56
CA PRO A 195 -6.67 25.30 -28.91
C PRO A 195 -6.91 26.31 -27.77
N PRO A 196 -7.74 27.34 -28.02
CA PRO A 196 -8.10 28.26 -26.93
C PRO A 196 -8.74 27.55 -25.77
N ASN A 197 -8.49 28.08 -24.58
CA ASN A 197 -9.12 27.64 -23.36
C ASN A 197 -8.86 26.18 -22.98
N ALA A 198 -7.68 25.67 -23.35
CA ALA A 198 -7.30 24.29 -23.06
C ALA A 198 -6.59 24.12 -21.74
N THR A 199 -6.94 23.06 -21.04
CA THR A 199 -6.20 22.62 -19.89
C THR A 199 -5.08 21.73 -20.36
N LEU A 200 -3.91 21.88 -19.75
CA LEU A 200 -2.72 21.18 -20.19
C LEU A 200 -2.22 20.27 -19.10
N VAL A 201 -1.70 19.12 -19.47
CA VAL A 201 -1.07 18.23 -18.50
C VAL A 201 0.39 18.05 -18.89
N PHE A 202 1.30 18.31 -17.94
CA PHE A 202 2.75 18.05 -18.13
C PHE A 202 3.28 17.12 -17.09
N GLU A 203 4.23 16.29 -17.46
CA GLU A 203 5.06 15.62 -16.48
C GLU A 203 6.46 16.22 -16.69
N VAL A 204 6.94 16.84 -15.61
CA VAL A 204 8.19 17.55 -15.63
C VAL A 204 9.19 16.82 -14.74
N GLU A 205 10.38 16.53 -15.25
CA GLU A 205 11.46 15.94 -14.47
C GLU A 205 12.59 16.97 -14.27
N LEU A 206 12.91 17.29 -13.03
CA LEU A 206 13.95 18.29 -12.76
C LEU A 206 15.30 17.62 -12.82
N LEU A 207 16.16 18.13 -13.67
CA LEU A 207 17.46 17.53 -13.91
C LEU A 207 18.58 18.25 -13.12
N ASP A 208 18.42 19.55 -12.93
CA ASP A 208 19.45 20.38 -12.36
C ASP A 208 18.87 21.74 -11.99
N VAL A 209 19.50 22.37 -10.98
CA VAL A 209 19.07 23.63 -10.39
C VAL A 209 20.31 24.49 -10.02
N THR B 20 12.19 -18.98 -11.33
CA THR B 20 10.80 -19.50 -11.21
C THR B 20 10.11 -18.70 -10.08
N HIS B 21 9.64 -19.38 -9.04
CA HIS B 21 9.17 -18.68 -7.83
C HIS B 21 10.32 -17.96 -7.21
N ILE B 22 10.03 -16.91 -6.44
CA ILE B 22 11.01 -16.37 -5.51
C ILE B 22 10.57 -16.68 -4.08
N ASN B 23 11.53 -16.68 -3.17
CA ASN B 23 11.31 -16.90 -1.73
C ASN B 23 11.22 -15.60 -0.96
N LEU B 24 10.14 -15.43 -0.21
CA LEU B 24 9.96 -14.23 0.61
C LEU B 24 9.62 -14.65 2.04
N LYS B 25 10.06 -13.84 2.98
CA LYS B 25 9.90 -14.14 4.40
C LYS B 25 8.94 -13.13 4.94
N VAL B 26 7.95 -13.57 5.71
CA VAL B 26 7.12 -12.63 6.47
C VAL B 26 7.55 -12.70 7.92
N SER B 27 7.80 -11.54 8.52
CA SER B 27 8.28 -11.45 9.90
C SER B 27 7.37 -10.55 10.72
N ASP B 28 6.94 -11.05 11.87
CA ASP B 28 6.21 -10.26 12.86
C ASP B 28 7.03 -10.03 14.16
N GLY B 29 8.28 -10.50 14.21
CA GLY B 29 9.14 -10.36 15.40
C GLY B 29 9.31 -11.66 16.19
N SER B 30 8.22 -12.41 16.32
CA SER B 30 8.26 -13.70 16.97
C SER B 30 8.51 -14.82 15.92
N SER B 31 7.80 -14.73 14.80
CA SER B 31 7.80 -15.74 13.72
C SER B 31 8.58 -15.26 12.47
N GLU B 32 9.22 -16.20 11.76
CA GLU B 32 9.84 -15.93 10.46
C GLU B 32 9.40 -17.00 9.45
N ILE B 33 8.33 -16.69 8.72
CA ILE B 33 7.65 -17.67 7.81
C ILE B 33 8.02 -17.43 6.37
N PHE B 34 8.53 -18.46 5.71
CA PHE B 34 8.90 -18.35 4.32
C PHE B 34 7.76 -18.75 3.41
N PHE B 35 7.62 -18.06 2.27
CA PHE B 35 6.69 -18.47 1.18
C PHE B 35 7.43 -18.51 -0.13
N LYS B 36 7.01 -19.37 -1.03
CA LYS B 36 7.41 -19.30 -2.42
C LYS B 36 6.27 -18.59 -3.19
N ILE B 37 6.60 -17.64 -4.04
CA ILE B 37 5.59 -16.83 -4.77
C ILE B 37 6.13 -16.38 -6.13
N LYS B 38 5.30 -16.46 -7.18
CA LYS B 38 5.75 -16.06 -8.50
C LYS B 38 5.76 -14.55 -8.55
N LYS B 39 6.66 -13.96 -9.36
CA LYS B 39 6.90 -12.52 -9.28
C LYS B 39 5.67 -11.73 -9.71
N THR B 40 4.81 -12.34 -10.53
CA THR B 40 3.61 -11.68 -11.05
C THR B 40 2.31 -12.08 -10.33
N THR B 41 2.43 -12.78 -9.20
CA THR B 41 1.28 -13.18 -8.37
C THR B 41 1.00 -12.09 -7.31
N PRO B 42 -0.26 -11.65 -7.18
CA PRO B 42 -0.59 -10.69 -6.13
C PRO B 42 -0.38 -11.24 -4.73
N LEU B 43 -0.02 -10.35 -3.83
CA LEU B 43 0.40 -10.75 -2.47
C LEU B 43 -0.75 -11.28 -1.58
N ARG B 44 -2.01 -11.15 -2.06
CA ARG B 44 -3.24 -11.49 -1.27
C ARG B 44 -3.18 -12.87 -0.59
N ARG B 45 -2.92 -13.92 -1.38
CA ARG B 45 -2.90 -15.26 -0.79
C ARG B 45 -1.80 -15.44 0.27
N LEU B 46 -0.64 -14.86 0.03
CA LEU B 46 0.45 -14.89 1.02
C LEU B 46 0.01 -14.23 2.34
N MET B 47 -0.60 -13.07 2.20
CA MET B 47 -1.01 -12.30 3.35
C MET B 47 -2.06 -13.07 4.10
N GLU B 48 -3.01 -13.67 3.36
CA GLU B 48 -4.05 -14.46 4.00
C GLU B 48 -3.50 -15.77 4.61
N ALA B 49 -2.59 -16.43 3.92
CA ALA B 49 -1.93 -17.64 4.46
C ALA B 49 -1.17 -17.36 5.78
N PHE B 50 -0.49 -16.22 5.86
CA PHE B 50 0.24 -15.81 7.08
C PHE B 50 -0.72 -15.60 8.26
N ALA B 51 -1.79 -14.82 8.02
CA ALA B 51 -2.83 -14.55 9.02
C ALA B 51 -3.49 -15.83 9.51
N LYS B 52 -3.83 -16.74 8.60
CA LYS B 52 -4.38 -18.03 9.02
C LYS B 52 -3.34 -18.81 9.87
N ARG B 53 -2.08 -18.87 9.45
CA ARG B 53 -1.09 -19.65 10.18
C ARG B 53 -0.89 -19.12 11.62
N GLN B 54 -0.91 -17.79 11.77
CA GLN B 54 -0.90 -17.13 13.08
C GLN B 54 -2.28 -17.07 13.72
N GLY B 55 -3.30 -17.58 13.04
CA GLY B 55 -4.67 -17.47 13.52
C GLY B 55 -5.02 -16.03 13.88
N LYS B 56 -4.64 -15.09 13.02
CA LYS B 56 -5.04 -13.70 13.18
C LYS B 56 -5.99 -13.31 12.04
N GLU B 57 -6.73 -12.23 12.25
CA GLU B 57 -7.65 -11.72 11.25
C GLU B 57 -6.88 -10.88 10.24
N MET B 58 -7.27 -10.97 8.98
CA MET B 58 -6.60 -10.25 7.89
C MET B 58 -6.65 -8.71 8.03
N ASP B 59 -7.84 -8.17 8.27
CA ASP B 59 -8.03 -6.72 8.56
C ASP B 59 -7.39 -6.25 9.90
N SER B 60 -6.84 -7.19 10.68
CA SER B 60 -6.10 -6.85 11.90
C SER B 60 -4.59 -6.71 11.64
N LEU B 61 -4.14 -7.11 10.45
CA LEU B 61 -2.72 -7.03 10.12
C LEU B 61 -2.43 -5.91 9.11
N ARG B 62 -1.18 -5.43 9.13
CA ARG B 62 -0.67 -4.42 8.20
C ARG B 62 0.68 -4.92 7.68
N PHE B 63 0.81 -5.07 6.37
CA PHE B 63 2.05 -5.59 5.81
C PHE B 63 2.88 -4.45 5.23
N LEU B 64 4.18 -4.49 5.55
CA LEU B 64 5.12 -3.42 5.21
C LEU B 64 6.26 -4.02 4.43
N TYR B 65 6.64 -3.34 3.35
CA TYR B 65 7.86 -3.68 2.64
C TYR B 65 8.60 -2.40 2.37
N ASP B 66 9.85 -2.31 2.84
CA ASP B 66 10.62 -1.08 2.74
C ASP B 66 9.82 0.12 3.27
N GLY B 67 9.15 -0.03 4.40
CA GLY B 67 8.37 1.08 5.00
C GLY B 67 7.03 1.36 4.32
N ILE B 68 6.85 0.84 3.11
CA ILE B 68 5.60 1.00 2.37
C ILE B 68 4.61 -0.11 2.74
N ARG B 69 3.40 0.27 3.12
CA ARG B 69 2.35 -0.71 3.33
C ARG B 69 2.02 -1.41 2.00
N ILE B 70 1.90 -2.73 2.04
CA ILE B 70 1.61 -3.57 0.87
C ILE B 70 0.09 -3.57 0.70
N GLN B 71 -0.37 -3.69 -0.53
CA GLN B 71 -1.78 -3.98 -0.79
C GLN B 71 -1.92 -5.37 -1.42
N ALA B 72 -3.04 -6.01 -1.10
CA ALA B 72 -3.40 -7.36 -1.58
C ALA B 72 -3.17 -7.56 -3.06
N ASP B 73 -3.49 -6.53 -3.86
CA ASP B 73 -3.44 -6.66 -5.32
C ASP B 73 -2.08 -6.38 -5.91
N GLN B 74 -1.11 -5.92 -5.12
CA GLN B 74 0.24 -5.71 -5.61
C GLN B 74 1.03 -7.01 -5.67
N THR B 75 2.01 -7.07 -6.58
CA THR B 75 2.81 -8.26 -6.81
C THR B 75 4.22 -7.95 -6.35
N PRO B 76 5.05 -8.98 -6.18
CA PRO B 76 6.45 -8.77 -5.89
C PRO B 76 7.10 -7.88 -6.94
N GLU B 77 6.77 -8.14 -8.19
CA GLU B 77 7.25 -7.40 -9.32
C GLU B 77 6.86 -5.92 -9.25
N ASP B 78 5.63 -5.62 -8.84
CA ASP B 78 5.18 -4.25 -8.64
C ASP B 78 6.03 -3.51 -7.62
N LEU B 79 6.52 -4.24 -6.63
CA LEU B 79 7.19 -3.64 -5.50
C LEU B 79 8.68 -3.75 -5.66
N ASP B 80 9.12 -4.19 -6.83
CA ASP B 80 10.54 -4.52 -7.11
C ASP B 80 11.19 -5.43 -6.07
N MET B 81 10.44 -6.43 -5.59
CA MET B 81 10.95 -7.38 -4.59
C MET B 81 11.95 -8.35 -5.19
N GLU B 82 12.90 -8.79 -4.37
CA GLU B 82 13.85 -9.83 -4.81
C GLU B 82 13.81 -11.07 -3.93
N ASP B 83 14.42 -12.15 -4.43
CA ASP B 83 14.57 -13.37 -3.67
C ASP B 83 15.16 -13.06 -2.31
N ASN B 84 14.62 -13.70 -1.29
CA ASN B 84 15.02 -13.52 0.09
C ASN B 84 14.66 -12.20 0.74
N ASP B 85 13.85 -11.36 0.08
CA ASP B 85 13.30 -10.16 0.76
C ASP B 85 12.34 -10.47 1.93
N ILE B 86 12.17 -9.47 2.79
CA ILE B 86 11.36 -9.57 4.02
C ILE B 86 10.13 -8.66 3.98
N ILE B 87 8.96 -9.22 4.28
CA ILE B 87 7.74 -8.43 4.48
C ILE B 87 7.48 -8.38 5.99
N GLU B 88 7.22 -7.19 6.53
CA GLU B 88 7.05 -7.03 7.96
C GLU B 88 5.57 -7.03 8.28
N ALA B 89 5.14 -7.98 9.08
CA ALA B 89 3.75 -8.07 9.49
C ALA B 89 3.59 -7.39 10.86
N HIS B 90 2.84 -6.30 10.87
CA HIS B 90 2.62 -5.50 12.09
C HIS B 90 1.16 -5.52 12.40
N ARG B 91 0.82 -5.37 13.67
CA ARG B 91 -0.58 -5.42 14.11
C ARG B 91 -1.16 -4.03 13.96
N GLU B 92 -2.42 -3.94 13.52
CA GLU B 92 -3.16 -2.66 13.50
C GLU B 92 -3.39 -2.13 14.92
N GLN B 93 -2.93 -0.91 15.21
CA GLN B 93 -2.94 -0.36 16.58
C GLN B 93 -3.26 1.16 16.66
N ILE B 94 -4.53 1.47 16.93
CA ILE B 94 -5.06 2.85 16.84
C ILE B 94 -4.36 3.83 17.76
N GLY B 95 -4.30 3.48 19.05
CA GLY B 95 -3.68 4.31 20.09
C GLY B 95 -2.17 4.11 20.26
N GLY B 96 -1.53 3.52 19.28
CA GLY B 96 -0.10 3.34 19.30
C GLY B 96 0.31 2.14 20.14
N SER B 97 1.56 2.14 20.59
CA SER B 97 2.12 0.94 21.26
C SER B 97 2.85 1.29 22.54
N THR B 98 2.24 0.89 23.65
CA THR B 98 2.81 1.02 24.99
C THR B 98 2.89 -0.36 25.71
N VAL B 99 4.11 -0.82 26.01
CA VAL B 99 4.29 -2.11 26.67
C VAL B 99 4.53 -1.79 28.14
N VAL B 100 3.63 -2.30 28.98
CA VAL B 100 3.62 -2.14 30.39
C VAL B 100 4.15 -3.45 31.06
N THR B 101 5.10 -3.31 32.00
CA THR B 101 5.65 -4.44 32.76
C THR B 101 5.21 -4.29 34.20
N THR B 102 4.50 -5.28 34.74
CA THR B 102 3.98 -5.19 36.11
C THR B 102 5.05 -5.68 37.12
N GLU B 103 4.79 -5.52 38.42
CA GLU B 103 5.68 -6.00 39.48
C GLU B 103 5.92 -7.52 39.40
N SER B 104 4.94 -8.23 38.94
CA SER B 104 5.08 -9.70 38.72
C SER B 104 5.92 -10.09 37.54
N GLY B 105 6.33 -9.11 36.71
CA GLY B 105 7.00 -9.41 35.44
C GLY B 105 6.11 -9.76 34.26
N LEU B 106 4.79 -9.76 34.47
CA LEU B 106 3.82 -9.79 33.37
C LEU B 106 4.01 -8.55 32.52
N LYS B 107 3.92 -8.72 31.20
CA LYS B 107 3.87 -7.59 30.31
C LYS B 107 2.51 -7.58 29.61
N TYR B 108 1.97 -6.40 29.40
CA TYR B 108 0.77 -6.24 28.58
C TYR B 108 0.85 -5.01 27.68
N GLU B 109 0.19 -5.15 26.53
CA GLU B 109 0.09 -4.11 25.54
C GLU B 109 -1.32 -4.11 24.97
N ASP B 110 -2.01 -2.98 25.13
CA ASP B 110 -3.32 -2.80 24.52
C ASP B 110 -3.20 -2.57 23.04
N LEU B 111 -3.75 -3.50 22.28
CA LEU B 111 -3.71 -3.40 20.84
C LEU B 111 -4.90 -2.60 20.39
N THR B 112 -6.05 -2.86 21.00
CA THR B 112 -7.25 -2.08 20.78
C THR B 112 -7.78 -1.68 22.14
N GLU B 113 -8.17 -0.42 22.26
CA GLU B 113 -8.78 0.10 23.47
C GLU B 113 -10.23 -0.29 23.43
N GLY B 114 -10.77 -0.75 24.55
CA GLY B 114 -12.20 -1.07 24.63
C GLY B 114 -12.98 0.15 25.03
N SER B 115 -14.30 0.10 24.90
CA SER B 115 -15.11 1.27 25.18
C SER B 115 -16.07 1.12 26.37
N GLY B 116 -16.36 -0.11 26.77
CA GLY B 116 -17.34 -0.33 27.80
C GLY B 116 -16.82 -0.26 29.22
N ALA B 117 -17.50 -1.02 30.08
CA ALA B 117 -17.12 -1.16 31.45
C ALA B 117 -15.76 -1.90 31.56
N GLU B 118 -14.93 -1.40 32.47
CA GLU B 118 -13.64 -2.00 32.76
C GLU B 118 -13.83 -3.30 33.57
N ALA B 119 -13.16 -4.38 33.18
CA ALA B 119 -13.21 -5.65 33.96
C ALA B 119 -12.47 -5.52 35.30
N ARG B 120 -13.13 -5.88 36.38
CA ARG B 120 -12.54 -5.84 37.72
C ARG B 120 -12.48 -7.24 38.30
N ALA B 121 -11.51 -7.47 39.19
CA ALA B 121 -11.44 -8.73 39.91
C ALA B 121 -12.79 -9.03 40.56
N GLY B 122 -13.14 -10.30 40.51
CA GLY B 122 -14.43 -10.75 41.04
C GLY B 122 -15.59 -10.72 40.10
N GLN B 123 -15.45 -10.05 38.94
CA GLN B 123 -16.49 -10.03 37.92
C GLN B 123 -16.39 -11.20 36.97
N THR B 124 -17.52 -11.59 36.38
CA THR B 124 -17.53 -12.68 35.37
C THR B 124 -17.26 -12.08 34.01
N VAL B 125 -16.24 -12.56 33.32
CA VAL B 125 -15.91 -12.07 32.02
C VAL B 125 -16.06 -13.12 30.92
N SER B 126 -16.27 -12.62 29.73
CA SER B 126 -16.30 -13.43 28.53
C SER B 126 -15.24 -12.93 27.55
N VAL B 127 -14.37 -13.83 27.13
CA VAL B 127 -13.26 -13.49 26.21
C VAL B 127 -13.13 -14.44 25.04
N HIS B 128 -12.51 -13.92 23.97
CA HIS B 128 -11.88 -14.73 22.97
C HIS B 128 -10.37 -14.61 23.13
N TYR B 129 -9.63 -15.63 22.74
CA TYR B 129 -8.18 -15.59 22.89
C TYR B 129 -7.48 -16.43 21.84
N THR B 130 -6.23 -16.10 21.56
CA THR B 130 -5.30 -16.98 20.89
C THR B 130 -3.99 -16.93 21.65
N GLY B 131 -3.31 -18.06 21.71
CA GLY B 131 -2.01 -18.18 22.38
C GLY B 131 -0.92 -18.74 21.51
N TRP B 132 0.29 -18.20 21.68
CA TRP B 132 1.50 -18.64 20.99
C TRP B 132 2.64 -18.88 21.94
N LEU B 133 3.52 -19.78 21.54
CA LEU B 133 4.85 -19.93 22.13
C LEU B 133 5.75 -18.79 21.62
N THR B 134 6.88 -18.56 22.29
CA THR B 134 7.74 -17.41 21.89
C THR B 134 8.34 -17.55 20.49
N ASP B 135 8.46 -18.77 19.95
CA ASP B 135 8.86 -18.96 18.52
C ASP B 135 7.70 -18.75 17.55
N GLY B 136 6.55 -18.31 18.06
CA GLY B 136 5.39 -17.98 17.22
C GLY B 136 4.42 -19.11 16.96
N GLN B 137 4.76 -20.32 17.43
CA GLN B 137 3.87 -21.46 17.35
C GLN B 137 2.56 -21.15 18.06
N LYS B 138 1.43 -21.23 17.35
CA LYS B 138 0.07 -21.09 17.93
C LYS B 138 -0.30 -22.36 18.63
N PHE B 139 -0.66 -22.28 19.90
CA PHE B 139 -0.97 -23.49 20.63
C PHE B 139 -2.45 -23.69 20.93
N GLY B 140 -3.27 -22.68 20.64
CA GLY B 140 -4.68 -22.75 20.92
C GLY B 140 -5.37 -21.44 20.63
N SER B 141 -6.70 -21.53 20.51
CA SER B 141 -7.55 -20.37 20.31
C SER B 141 -8.99 -20.72 20.52
N SER B 142 -9.75 -19.82 21.16
CA SER B 142 -11.20 -19.99 21.27
C SER B 142 -11.93 -19.74 19.94
N LYS B 143 -11.27 -19.09 18.99
CA LYS B 143 -11.91 -18.70 17.73
C LYS B 143 -12.23 -19.92 16.84
N ASP B 144 -11.47 -21.01 17.03
CA ASP B 144 -11.61 -22.27 16.25
C ASP B 144 -12.91 -23.03 16.54
N ARG B 145 -13.28 -23.17 17.82
CA ARG B 145 -14.63 -23.64 18.18
C ARG B 145 -15.67 -22.49 18.06
N ASN B 146 -15.19 -21.27 17.81
CA ASN B 146 -16.03 -20.06 17.85
C ASN B 146 -16.93 -20.10 19.07
N ASP B 147 -16.28 -20.15 20.23
CA ASP B 147 -16.97 -20.22 21.48
C ASP B 147 -16.25 -19.35 22.50
N PRO B 148 -16.93 -18.29 22.97
CA PRO B 148 -16.24 -17.49 23.97
C PRO B 148 -15.94 -18.29 25.21
N PHE B 149 -14.96 -17.82 25.97
CA PHE B 149 -14.63 -18.45 27.20
C PHE B 149 -15.04 -17.56 28.37
N ALA B 150 -15.72 -18.16 29.34
CA ALA B 150 -16.24 -17.43 30.47
C ALA B 150 -15.51 -17.83 31.71
N PHE B 151 -15.22 -16.86 32.58
CA PHE B 151 -14.60 -17.21 33.88
C PHE B 151 -14.73 -16.09 34.88
N VAL B 152 -14.52 -16.40 36.16
CA VAL B 152 -14.59 -15.37 37.19
C VAL B 152 -13.20 -14.82 37.42
N LEU B 153 -13.03 -13.52 37.11
CA LEU B 153 -11.73 -12.85 37.14
C LEU B 153 -11.24 -12.80 38.58
N GLY B 154 -9.98 -13.16 38.76
CA GLY B 154 -9.40 -13.25 40.07
C GLY B 154 -9.77 -14.50 40.81
N GLY B 155 -10.42 -15.47 40.13
CA GLY B 155 -10.93 -16.66 40.79
C GLY B 155 -9.97 -17.84 40.85
N GLY B 156 -8.81 -17.70 40.20
CA GLY B 156 -7.86 -18.83 40.04
C GLY B 156 -8.36 -19.91 39.08
N MET B 157 -9.29 -19.56 38.18
CA MET B 157 -9.85 -20.55 37.22
C MET B 157 -9.02 -20.60 35.96
N VAL B 158 -8.06 -19.69 35.87
CA VAL B 158 -7.17 -19.59 34.76
C VAL B 158 -5.73 -19.35 35.29
N ILE B 159 -4.75 -19.39 34.39
CA ILE B 159 -3.33 -19.12 34.79
C ILE B 159 -3.19 -17.72 35.43
N LYS B 160 -2.21 -17.58 36.33
CA LYS B 160 -2.06 -16.32 37.10
C LYS B 160 -1.93 -15.09 36.20
N GLY B 161 -1.28 -15.26 35.05
CA GLY B 161 -1.03 -14.17 34.12
C GLY B 161 -2.32 -13.60 33.52
N TRP B 162 -3.33 -14.44 33.34
CA TRP B 162 -4.68 -14.01 32.96
C TRP B 162 -5.48 -13.33 34.05
N ASP B 163 -5.48 -13.92 35.25
CA ASP B 163 -6.18 -13.29 36.40
C ASP B 163 -5.67 -11.85 36.59
N GLU B 164 -4.36 -11.63 36.38
CA GLU B 164 -3.78 -10.30 36.51
C GLU B 164 -4.01 -9.44 35.26
N GLY B 165 -3.69 -10.02 34.13
CA GLY B 165 -3.63 -9.29 32.87
C GLY B 165 -4.95 -8.83 32.32
N VAL B 166 -6.03 -9.56 32.61
CA VAL B 166 -7.33 -9.20 32.06
C VAL B 166 -7.94 -8.01 32.86
N GLN B 167 -7.55 -7.87 34.11
CA GLN B 167 -8.04 -6.76 34.87
C GLN B 167 -7.68 -5.47 34.14
N GLY B 168 -8.71 -4.66 33.91
CA GLY B 168 -8.50 -3.31 33.41
C GLY B 168 -8.82 -3.18 31.98
N MET B 169 -8.97 -4.32 31.28
CA MET B 169 -9.49 -4.29 29.94
C MET B 169 -10.94 -3.77 30.02
N LYS B 170 -11.40 -3.19 28.93
CA LYS B 170 -12.78 -2.65 28.81
C LYS B 170 -13.38 -3.42 27.66
N VAL B 171 -14.70 -3.58 27.66
CA VAL B 171 -15.33 -4.38 26.64
C VAL B 171 -15.06 -3.77 25.28
N GLY B 172 -14.77 -4.66 24.33
CA GLY B 172 -14.28 -4.25 23.04
C GLY B 172 -12.75 -4.36 22.89
N GLY B 173 -12.01 -4.35 23.99
CA GLY B 173 -10.53 -4.28 23.89
C GLY B 173 -9.83 -5.57 23.50
N VAL B 174 -8.68 -5.41 22.86
CA VAL B 174 -7.76 -6.51 22.61
C VAL B 174 -6.40 -6.19 23.26
N ARG B 175 -5.98 -7.09 24.13
CA ARG B 175 -4.72 -6.93 24.89
C ARG B 175 -3.83 -8.12 24.67
N ARG B 176 -2.54 -7.81 24.45
CA ARG B 176 -1.49 -8.79 24.30
C ARG B 176 -0.77 -9.00 25.63
N LEU B 177 -0.81 -10.22 26.16
CA LEU B 177 -0.18 -10.58 27.39
C LEU B 177 1.09 -11.40 27.06
N THR B 178 2.20 -11.03 27.66
CA THR B 178 3.44 -11.86 27.57
C THR B 178 3.68 -12.36 28.96
N ILE B 179 3.49 -13.66 29.15
CA ILE B 179 3.36 -14.26 30.46
C ILE B 179 4.56 -15.15 30.79
N PRO B 180 5.37 -14.75 31.79
CA PRO B 180 6.47 -15.60 32.20
C PRO B 180 5.94 -16.96 32.82
N PRO B 181 6.76 -18.01 32.77
CA PRO B 181 6.23 -19.33 33.12
C PRO B 181 5.68 -19.47 34.54
N GLN B 182 6.22 -18.72 35.50
CA GLN B 182 5.71 -18.78 36.87
C GLN B 182 4.30 -18.14 37.01
N LEU B 183 3.87 -17.39 36.00
CA LEU B 183 2.47 -16.93 35.85
C LEU B 183 1.64 -17.74 34.83
N GLY B 184 2.23 -18.80 34.31
CA GLY B 184 1.64 -19.64 33.27
C GLY B 184 1.54 -21.07 33.77
N TYR B 185 2.18 -22.02 33.06
CA TYR B 185 2.15 -23.46 33.48
C TYR B 185 3.44 -23.98 34.10
N GLY B 186 4.38 -23.07 34.40
CA GLY B 186 5.53 -23.41 35.21
C GLY B 186 6.28 -24.64 34.71
N ALA B 187 6.69 -25.48 35.65
CA ALA B 187 7.47 -26.69 35.37
C ALA B 187 6.67 -27.82 34.69
N ARG B 188 5.34 -27.70 34.68
CA ARG B 188 4.47 -28.73 34.15
C ARG B 188 4.17 -28.63 32.68
N GLY B 189 4.12 -27.42 32.13
CA GLY B 189 3.63 -27.28 30.79
C GLY B 189 2.13 -27.61 30.78
N ALA B 190 1.57 -27.88 29.60
CA ALA B 190 0.15 -28.18 29.50
C ALA B 190 -0.25 -28.75 28.13
N GLY B 191 -1.26 -29.61 28.17
CA GLY B 191 -2.06 -29.92 27.00
C GLY B 191 -1.35 -30.74 25.93
N GLY B 192 -0.21 -31.33 26.27
CA GLY B 192 0.65 -31.95 25.26
C GLY B 192 1.21 -30.98 24.22
N VAL B 193 1.23 -29.69 24.54
CA VAL B 193 1.67 -28.68 23.57
C VAL B 193 2.63 -27.65 24.18
N ILE B 194 2.30 -27.20 25.36
CA ILE B 194 3.15 -26.26 26.08
C ILE B 194 4.20 -26.99 26.90
N PRO B 195 5.49 -26.71 26.66
CA PRO B 195 6.51 -27.36 27.49
C PRO B 195 6.77 -26.65 28.83
N PRO B 196 7.61 -27.24 29.69
CA PRO B 196 8.05 -26.56 30.91
C PRO B 196 8.72 -25.25 30.63
N ASN B 197 8.59 -24.34 31.58
CA ASN B 197 9.32 -23.08 31.60
C ASN B 197 9.12 -22.21 30.37
N ALA B 198 7.89 -22.26 29.85
CA ALA B 198 7.51 -21.58 28.62
C ALA B 198 6.91 -20.22 28.92
N THR B 199 7.47 -19.21 28.29
CA THR B 199 6.85 -17.89 28.19
C THR B 199 5.75 -17.98 27.13
N LEU B 200 4.59 -17.43 27.43
CA LEU B 200 3.42 -17.55 26.60
C LEU B 200 3.00 -16.17 26.13
N VAL B 201 2.61 -16.08 24.88
CA VAL B 201 2.00 -14.85 24.37
C VAL B 201 0.53 -15.11 24.11
N PHE B 202 -0.35 -14.29 24.66
CA PHE B 202 -1.78 -14.38 24.32
C PHE B 202 -2.30 -13.04 23.81
N GLU B 203 -3.19 -13.08 22.81
CA GLU B 203 -4.06 -11.93 22.52
C GLU B 203 -5.47 -12.28 22.98
N VAL B 204 -5.98 -11.47 23.91
CA VAL B 204 -7.24 -11.68 24.60
C VAL B 204 -8.19 -10.55 24.23
N GLU B 205 -9.40 -10.89 23.76
CA GLU B 205 -10.41 -9.91 23.39
C GLU B 205 -11.52 -9.99 24.41
N LEU B 206 -11.79 -8.91 25.12
CA LEU B 206 -12.85 -8.89 26.11
C LEU B 206 -14.19 -8.67 25.41
N LEU B 207 -15.08 -9.64 25.52
CA LEU B 207 -16.41 -9.58 24.87
C LEU B 207 -17.53 -9.02 25.75
N ASP B 208 -17.40 -9.27 27.04
CA ASP B 208 -18.42 -8.92 27.99
C ASP B 208 -17.85 -8.92 29.40
N VAL B 209 -18.25 -7.91 30.17
CA VAL B 209 -18.13 -7.91 31.63
C VAL B 209 -19.35 -7.19 32.21
#